data_7XBT
#
_entry.id   7XBT
#
_cell.length_a   77.451
_cell.length_b   77.451
_cell.length_c   192.228
_cell.angle_alpha   90.000
_cell.angle_beta   90.000
_cell.angle_gamma   90.000
#
_symmetry.space_group_name_H-M   'P 41 21 2'
#
loop_
_entity.id
_entity.type
_entity.pdbx_description
1 polymer CmnG
2 non-polymer 'ADENOSINE MONOPHOSPHATE'
3 non-polymer 'MAGNESIUM ION'
4 water water
#
_entity_poly.entity_id   1
_entity_poly.type   'polypeptide(L)'
_entity_poly.pdbx_seq_one_letter_code
;VTADAALEPDERAAWLAYNDTAEDFPGPHLLARLDAVAREHPDRPAVHAVDGVWTYRELHRRADAVAAFLAARGVRPGSV
VAIAATRALAPYAALLGVLKAGCAYVPVNPDDPADRVAFVLADAGATPLLLDTDPASLPAAPAPDVPHEPDRVCYVIYTS
GSTGRPKGVVMAERAVDNLTHWVVRRHDVRPDDRLGQTAPLTFDPSVQQVFPAWATGACLVTVPDDVQRDPAAFLDWLRA
ERVTHLDLVTSHWVHLLNAAEARPAELPDLRWIIIGGETYYYHQTHRWHRVVSSPARLNTIYGPTEAAVNATEHLTEPDL
DHGQVPIGVPLPNYRLYALDDDGRLCPPGITGEIHIAGAGLARGYRSAEATAKAFHELEVHSGRTERLYRTGDLARLVRH
ADRWALEFQGRVDSQVKISGYRVELEEVDAAVKAVPGVRDAAVVVRGEPAEQLVCCYVGDVPPDRLRSRLTERLPAYLVP
HLLVPVEALPFTRNGKMDTAELAELVRRFARDS
;
_entity_poly.pdbx_strand_id   A
#
loop_
_chem_comp.id
_chem_comp.type
_chem_comp.name
_chem_comp.formula
AMP non-polymer 'ADENOSINE MONOPHOSPHATE' 'C10 H14 N5 O7 P'
MG non-polymer 'MAGNESIUM ION' 'Mg 2'
#
# COMPACT_ATOMS: atom_id res chain seq x y z
N VAL A 1 0.98 16.76 32.47
CA VAL A 1 -0.06 15.81 32.11
C VAL A 1 -0.03 15.55 30.61
N THR A 2 -0.10 16.62 29.81
CA THR A 2 -0.07 16.48 28.36
C THR A 2 1.27 15.91 27.90
N ALA A 3 1.33 15.49 26.63
CA ALA A 3 2.58 14.94 26.11
C ALA A 3 3.61 16.02 25.83
N ASP A 4 3.17 17.26 25.57
CA ASP A 4 4.07 18.34 25.20
C ASP A 4 4.48 19.20 26.38
N ALA A 5 4.23 18.72 27.60
CA ALA A 5 4.35 19.56 28.79
C ALA A 5 5.75 20.14 28.95
N ALA A 6 6.78 19.34 28.68
CA ALA A 6 8.16 19.76 28.93
C ALA A 6 8.74 20.62 27.80
N LEU A 7 7.99 20.87 26.73
CA LEU A 7 8.51 21.64 25.61
C LEU A 7 8.44 23.14 25.89
N GLU A 8 9.40 23.87 25.33
CA GLU A 8 9.47 25.32 25.36
C GLU A 8 8.56 25.89 24.27
N PRO A 9 8.01 27.11 24.46
CA PRO A 9 7.02 27.64 23.49
C PRO A 9 7.41 27.54 22.02
N ASP A 10 8.68 27.69 21.66
CA ASP A 10 9.06 27.56 20.25
C ASP A 10 8.98 26.11 19.80
N GLU A 11 9.41 25.17 20.66
CA GLU A 11 9.33 23.76 20.32
C GLU A 11 7.89 23.30 20.18
N ARG A 12 7.01 23.78 21.06
CA ARG A 12 5.58 23.52 20.94
C ARG A 12 5.04 24.09 19.63
N ALA A 13 5.41 25.33 19.31
CA ALA A 13 4.86 25.99 18.14
C ALA A 13 5.21 25.24 16.85
N ALA A 14 6.37 24.59 16.82
CA ALA A 14 6.79 23.88 15.62
C ALA A 14 5.87 22.71 15.32
N TRP A 15 5.53 21.93 16.35
CA TRP A 15 4.61 20.83 16.17
C TRP A 15 3.21 21.32 15.82
N LEU A 16 2.78 22.43 16.42
CA LEU A 16 1.45 22.95 16.11
C LEU A 16 1.36 23.36 14.64
N ALA A 17 2.41 23.98 14.11
CA ALA A 17 2.40 24.33 12.70
C ALA A 17 2.48 23.10 11.81
N TYR A 18 3.33 22.13 12.20
CA TYR A 18 3.48 20.91 11.40
C TYR A 18 2.16 20.21 11.18
N ASN A 19 1.33 20.14 12.23
CA ASN A 19 0.10 19.35 12.21
C ASN A 19 -1.13 20.20 11.90
N ASP A 20 -0.94 21.37 11.31
CA ASP A 20 -2.05 22.26 10.97
C ASP A 20 -2.52 21.88 9.56
N THR A 21 -3.32 20.79 9.50
CA THR A 21 -3.54 20.08 8.24
C THR A 21 -5.00 19.85 7.89
N ALA A 22 -5.95 20.41 8.65
CA ALA A 22 -7.36 20.18 8.33
C ALA A 22 -7.68 20.68 6.93
N GLU A 23 -8.50 19.93 6.20
CA GLU A 23 -8.95 20.33 4.88
C GLU A 23 -10.32 19.69 4.64
N ASP A 24 -11.27 20.48 4.13
CA ASP A 24 -12.62 19.98 3.86
C ASP A 24 -12.77 19.64 2.39
N PHE A 25 -13.20 18.43 2.10
CA PHE A 25 -13.38 18.03 0.71
C PHE A 25 -14.87 17.97 0.38
N PRO A 26 -15.26 18.38 -0.83
CA PRO A 26 -16.68 18.42 -1.18
C PRO A 26 -17.20 17.15 -1.83
N GLY A 27 -18.37 17.25 -2.47
CA GLY A 27 -18.96 16.17 -3.25
C GLY A 27 -19.51 15.12 -2.31
N PRO A 28 -20.27 14.17 -2.85
CA PRO A 28 -20.75 13.09 -2.00
C PRO A 28 -19.65 12.13 -1.60
N HIS A 29 -20.03 11.07 -0.88
CA HIS A 29 -19.12 10.05 -0.41
C HIS A 29 -18.53 9.25 -1.58
N LEU A 30 -17.52 8.42 -1.27
CA LEU A 30 -16.65 7.87 -2.31
C LEU A 30 -17.44 7.07 -3.34
N LEU A 31 -18.24 6.09 -2.87
CA LEU A 31 -18.96 5.26 -3.81
C LEU A 31 -19.96 6.06 -4.62
N ALA A 32 -20.56 7.11 -4.05
CA ALA A 32 -21.46 7.94 -4.84
C ALA A 32 -20.71 8.64 -5.97
N ARG A 33 -19.46 9.06 -5.71
CA ARG A 33 -18.69 9.69 -6.78
C ARG A 33 -18.32 8.69 -7.86
N LEU A 34 -17.99 7.45 -7.47
CA LEU A 34 -17.77 6.38 -8.44
C LEU A 34 -19.00 6.15 -9.31
N ASP A 35 -20.18 6.10 -8.69
CA ASP A 35 -21.40 5.92 -9.48
C ASP A 35 -21.66 7.12 -10.39
N ALA A 36 -21.38 8.34 -9.92
CA ALA A 36 -21.59 9.51 -10.76
C ALA A 36 -20.72 9.45 -12.01
N VAL A 37 -19.46 9.06 -11.85
CA VAL A 37 -18.56 8.93 -13.00
C VAL A 37 -19.15 7.96 -14.01
N ALA A 38 -19.65 6.83 -13.52
CA ALA A 38 -20.21 5.82 -14.42
C ALA A 38 -21.43 6.34 -15.16
N ARG A 39 -22.25 7.14 -14.48
CA ARG A 39 -23.44 7.74 -15.10
C ARG A 39 -23.06 8.77 -16.17
N GLU A 40 -22.05 9.59 -15.88
CA GLU A 40 -21.68 10.69 -16.75
C GLU A 40 -20.73 10.28 -17.87
N HIS A 41 -19.89 9.25 -17.63
CA HIS A 41 -18.87 8.85 -18.60
C HIS A 41 -18.91 7.34 -18.85
N PRO A 42 -20.07 6.79 -19.20
CA PRO A 42 -20.18 5.34 -19.34
C PRO A 42 -19.25 4.76 -20.39
N ASP A 43 -18.92 5.54 -21.42
CA ASP A 43 -18.11 5.02 -22.52
C ASP A 43 -16.61 5.12 -22.27
N ARG A 44 -16.15 5.82 -21.23
CA ARG A 44 -14.72 5.94 -21.03
C ARG A 44 -14.11 4.61 -20.58
N PRO A 45 -12.82 4.36 -20.87
CA PRO A 45 -12.16 3.15 -20.35
C PRO A 45 -11.85 3.29 -18.87
N ALA A 46 -12.33 2.33 -18.09
CA ALA A 46 -12.21 2.35 -16.64
C ALA A 46 -11.08 1.48 -16.13
N VAL A 47 -10.89 0.31 -16.71
CA VAL A 47 -9.81 -0.57 -16.28
C VAL A 47 -9.24 -1.31 -17.49
N HIS A 48 -7.93 -1.34 -17.56
CA HIS A 48 -7.17 -2.00 -18.60
C HIS A 48 -6.31 -3.05 -17.93
N ALA A 49 -6.63 -4.32 -18.14
CA ALA A 49 -5.90 -5.41 -17.49
C ALA A 49 -5.43 -6.40 -18.54
N VAL A 50 -4.94 -7.57 -18.11
CA VAL A 50 -4.20 -8.40 -19.06
C VAL A 50 -5.11 -8.97 -20.15
N ASP A 51 -6.40 -9.11 -19.86
CA ASP A 51 -7.31 -9.75 -20.80
C ASP A 51 -8.31 -8.77 -21.41
N GLY A 52 -8.12 -7.49 -21.24
CA GLY A 52 -8.86 -6.53 -22.04
C GLY A 52 -9.12 -5.25 -21.27
N VAL A 53 -10.05 -4.48 -21.81
CA VAL A 53 -10.40 -3.16 -21.30
C VAL A 53 -11.91 -3.11 -21.12
N TRP A 54 -12.35 -2.62 -19.97
CA TRP A 54 -13.77 -2.39 -19.73
C TRP A 54 -14.09 -0.90 -19.68
N THR A 55 -15.19 -0.52 -20.32
CA THR A 55 -15.77 0.80 -20.11
C THR A 55 -16.28 0.92 -18.68
N TYR A 56 -16.54 2.17 -18.27
CA TYR A 56 -17.20 2.38 -16.97
C TYR A 56 -18.55 1.66 -16.94
N ARG A 57 -19.31 1.74 -18.03
CA ARG A 57 -20.62 1.08 -18.02
C ARG A 57 -20.46 -0.42 -17.77
N GLU A 58 -19.50 -1.04 -18.45
CA GLU A 58 -19.33 -2.49 -18.32
C GLU A 58 -18.76 -2.86 -16.95
N LEU A 59 -17.77 -2.11 -16.45
CA LEU A 59 -17.24 -2.40 -15.12
C LEU A 59 -18.36 -2.39 -14.07
N HIS A 60 -19.20 -1.36 -14.13
CA HIS A 60 -20.27 -1.27 -13.13
C HIS A 60 -21.35 -2.32 -13.35
N ARG A 61 -21.65 -2.68 -14.60
CA ARG A 61 -22.59 -3.78 -14.84
C ARG A 61 -22.06 -5.10 -14.27
N ARG A 62 -20.78 -5.40 -14.51
CA ARG A 62 -20.19 -6.63 -13.96
C ARG A 62 -20.16 -6.57 -12.44
N ALA A 63 -19.89 -5.40 -11.89
CA ALA A 63 -19.91 -5.26 -10.43
C ALA A 63 -21.31 -5.43 -9.89
N ASP A 64 -22.31 -4.91 -10.61
CA ASP A 64 -23.70 -5.12 -10.21
C ASP A 64 -24.02 -6.60 -10.12
N ALA A 65 -23.54 -7.39 -11.08
CA ALA A 65 -23.82 -8.83 -11.05
C ALA A 65 -23.18 -9.49 -9.84
N VAL A 66 -21.96 -9.07 -9.50
CA VAL A 66 -21.31 -9.59 -8.29
C VAL A 66 -22.15 -9.26 -7.07
N ALA A 67 -22.62 -8.01 -6.96
CA ALA A 67 -23.39 -7.60 -5.80
C ALA A 67 -24.70 -8.39 -5.69
N ALA A 68 -25.37 -8.62 -6.82
CA ALA A 68 -26.60 -9.40 -6.78
C ALA A 68 -26.34 -10.85 -6.39
N PHE A 69 -25.26 -11.44 -6.94
CA PHE A 69 -24.86 -12.79 -6.57
C PHE A 69 -24.62 -12.91 -5.07
N LEU A 70 -23.87 -11.96 -4.50
CA LEU A 70 -23.58 -12.01 -3.07
C LEU A 70 -24.87 -11.98 -2.25
N ALA A 71 -25.75 -11.03 -2.57
CA ALA A 71 -27.04 -10.94 -1.89
C ALA A 71 -27.83 -12.24 -2.02
N ALA A 72 -27.86 -12.84 -3.22
CA ALA A 72 -28.60 -14.09 -3.39
C ALA A 72 -28.04 -15.20 -2.50
N ARG A 73 -26.76 -15.13 -2.15
CA ARG A 73 -26.11 -16.14 -1.33
C ARG A 73 -26.09 -15.76 0.15
N GLY A 74 -26.90 -14.77 0.54
CA GLY A 74 -27.07 -14.46 1.95
C GLY A 74 -25.97 -13.60 2.54
N VAL A 75 -25.13 -12.99 1.71
CA VAL A 75 -24.05 -12.13 2.16
C VAL A 75 -24.66 -10.74 2.33
N ARG A 76 -24.88 -10.35 3.56
CA ARG A 76 -25.56 -9.09 3.86
C ARG A 76 -24.56 -7.96 3.99
N PRO A 77 -25.01 -6.72 3.85
CA PRO A 77 -24.12 -5.57 4.07
C PRO A 77 -23.40 -5.69 5.40
N GLY A 78 -22.15 -5.22 5.41
CA GLY A 78 -21.30 -5.36 6.57
C GLY A 78 -20.53 -6.66 6.64
N SER A 79 -20.60 -7.50 5.61
CA SER A 79 -19.80 -8.73 5.56
C SER A 79 -18.46 -8.43 4.89
N VAL A 80 -17.54 -9.38 5.00
CA VAL A 80 -16.23 -9.33 4.33
C VAL A 80 -16.22 -10.45 3.29
N VAL A 81 -15.68 -10.13 2.12
CA VAL A 81 -15.72 -11.01 0.96
C VAL A 81 -14.33 -11.05 0.37
N ALA A 82 -13.76 -12.24 0.21
CA ALA A 82 -12.43 -12.33 -0.38
C ALA A 82 -12.52 -12.09 -1.89
N ILE A 83 -11.48 -11.48 -2.45
CA ILE A 83 -11.39 -11.37 -3.90
C ILE A 83 -10.02 -11.88 -4.33
N ALA A 84 -9.97 -12.57 -5.47
CA ALA A 84 -8.73 -13.16 -5.97
C ALA A 84 -7.91 -12.07 -6.65
N ALA A 85 -6.74 -11.75 -6.07
CA ALA A 85 -5.90 -10.65 -6.55
C ALA A 85 -5.08 -11.14 -7.74
N THR A 86 -5.58 -10.89 -8.94
CA THR A 86 -4.86 -11.20 -10.16
C THR A 86 -4.68 -9.92 -10.94
N ARG A 87 -4.07 -10.03 -12.12
CA ARG A 87 -3.86 -8.89 -13.01
C ARG A 87 -4.83 -8.89 -14.18
N ALA A 88 -5.93 -9.65 -14.09
CA ALA A 88 -6.96 -9.70 -15.09
C ALA A 88 -8.10 -8.75 -14.71
N LEU A 89 -9.16 -8.73 -15.53
CA LEU A 89 -10.26 -7.80 -15.32
C LEU A 89 -11.14 -8.22 -14.14
N ALA A 90 -11.35 -9.53 -13.98
CA ALA A 90 -12.28 -10.05 -12.98
C ALA A 90 -12.14 -9.48 -11.58
N PRO A 91 -10.94 -9.35 -11.00
CA PRO A 91 -10.86 -8.84 -9.61
C PRO A 91 -11.45 -7.45 -9.46
N TYR A 92 -11.46 -6.65 -10.53
CA TYR A 92 -12.02 -5.30 -10.45
C TYR A 92 -13.54 -5.34 -10.34
N ALA A 93 -14.18 -6.24 -11.08
CA ALA A 93 -15.62 -6.41 -10.90
C ALA A 93 -15.91 -6.94 -9.51
N ALA A 94 -15.06 -7.85 -9.03
CA ALA A 94 -15.25 -8.43 -7.70
C ALA A 94 -15.16 -7.38 -6.62
N LEU A 95 -14.09 -6.60 -6.61
CA LEU A 95 -13.92 -5.67 -5.50
C LEU A 95 -14.96 -4.56 -5.56
N LEU A 96 -15.25 -4.04 -6.76
CA LEU A 96 -16.30 -3.02 -6.86
C LEU A 96 -17.66 -3.61 -6.50
N GLY A 97 -17.93 -4.85 -6.94
CA GLY A 97 -19.21 -5.49 -6.59
C GLY A 97 -19.36 -5.71 -5.10
N VAL A 98 -18.29 -6.10 -4.42
CA VAL A 98 -18.33 -6.23 -2.97
C VAL A 98 -18.71 -4.90 -2.33
N LEU A 99 -18.07 -3.81 -2.75
CA LEU A 99 -18.40 -2.51 -2.17
C LEU A 99 -19.84 -2.11 -2.47
N LYS A 100 -20.31 -2.38 -3.69
CA LYS A 100 -21.70 -2.05 -4.03
C LYS A 100 -22.69 -2.84 -3.18
N ALA A 101 -22.29 -4.02 -2.71
CA ALA A 101 -23.11 -4.83 -1.82
C ALA A 101 -23.09 -4.36 -0.38
N GLY A 102 -22.42 -3.25 -0.08
CA GLY A 102 -22.30 -2.81 1.30
C GLY A 102 -21.26 -3.55 2.11
N CYS A 103 -20.38 -4.29 1.44
CA CYS A 103 -19.42 -5.18 2.07
C CYS A 103 -18.00 -4.64 1.90
N ALA A 104 -17.05 -5.31 2.54
CA ALA A 104 -15.64 -4.98 2.43
C ALA A 104 -14.91 -6.12 1.75
N TYR A 105 -13.90 -5.80 0.91
CA TYR A 105 -13.12 -6.85 0.28
C TYR A 105 -11.83 -7.14 1.04
N VAL A 106 -11.43 -8.41 1.04
CA VAL A 106 -10.09 -8.81 1.49
C VAL A 106 -9.38 -9.43 0.29
N PRO A 107 -8.32 -8.80 -0.20
CA PRO A 107 -7.60 -9.35 -1.35
C PRO A 107 -6.76 -10.55 -0.95
N VAL A 108 -6.86 -11.62 -1.74
CA VAL A 108 -6.11 -12.86 -1.52
C VAL A 108 -5.35 -13.21 -2.79
N ASN A 109 -4.06 -13.49 -2.65
CA ASN A 109 -3.26 -13.98 -3.78
C ASN A 109 -3.55 -15.46 -3.98
N PRO A 110 -4.25 -15.86 -5.04
CA PRO A 110 -4.55 -17.30 -5.24
C PRO A 110 -3.31 -18.17 -5.37
N ASP A 111 -2.13 -17.59 -5.56
CA ASP A 111 -0.92 -18.40 -5.57
C ASP A 111 -0.30 -18.56 -4.19
N ASP A 112 -0.83 -17.90 -3.16
CA ASP A 112 -0.24 -18.01 -1.84
C ASP A 112 -0.48 -19.40 -1.26
N PRO A 113 0.34 -19.79 -0.27
CA PRO A 113 0.14 -21.10 0.37
C PRO A 113 -1.27 -21.26 0.91
N ALA A 114 -1.82 -22.45 0.72
CA ALA A 114 -3.20 -22.72 1.16
C ALA A 114 -3.37 -22.45 2.65
N ASP A 115 -2.37 -22.81 3.47
CA ASP A 115 -2.50 -22.59 4.91
C ASP A 115 -2.68 -21.11 5.23
N ARG A 116 -1.97 -20.23 4.51
CA ARG A 116 -2.03 -18.81 4.83
C ARG A 116 -3.35 -18.23 4.34
N VAL A 117 -3.81 -18.66 3.16
CA VAL A 117 -5.12 -18.24 2.69
C VAL A 117 -6.19 -18.65 3.69
N ALA A 118 -6.09 -19.86 4.23
CA ALA A 118 -7.09 -20.31 5.20
C ALA A 118 -7.13 -19.37 6.41
N PHE A 119 -5.96 -18.98 6.92
CA PHE A 119 -5.97 -18.06 8.06
C PHE A 119 -6.62 -16.74 7.68
N VAL A 120 -6.30 -16.22 6.50
CA VAL A 120 -6.87 -14.93 6.10
C VAL A 120 -8.39 -15.00 6.06
N LEU A 121 -8.95 -16.05 5.46
CA LEU A 121 -10.40 -16.16 5.40
C LEU A 121 -11.00 -16.25 6.79
N ALA A 122 -10.36 -17.00 7.69
CA ALA A 122 -10.88 -17.13 9.05
C ALA A 122 -10.79 -15.81 9.80
N ASP A 123 -9.60 -15.21 9.81
CA ASP A 123 -9.39 -13.96 10.54
C ASP A 123 -10.24 -12.82 10.00
N ALA A 124 -10.43 -12.77 8.67
CA ALA A 124 -11.21 -11.70 8.08
C ALA A 124 -12.72 -11.94 8.16
N GLY A 125 -13.14 -13.11 8.61
CA GLY A 125 -14.55 -13.47 8.59
C GLY A 125 -15.11 -13.48 7.18
N ALA A 126 -14.29 -13.88 6.21
CA ALA A 126 -14.57 -13.64 4.80
C ALA A 126 -15.11 -14.89 4.12
N THR A 127 -16.09 -14.70 3.22
CA THR A 127 -16.53 -15.82 2.40
C THR A 127 -15.59 -15.99 1.20
N PRO A 128 -15.36 -17.23 0.78
CA PRO A 128 -14.57 -17.49 -0.44
C PRO A 128 -15.37 -17.63 -1.72
N LEU A 129 -16.66 -17.25 -1.74
CA LEU A 129 -17.51 -17.46 -2.91
C LEU A 129 -16.86 -16.97 -4.20
N LEU A 130 -16.24 -15.78 -4.16
CA LEU A 130 -15.67 -15.18 -5.35
C LEU A 130 -14.29 -15.71 -5.69
N LEU A 131 -13.68 -16.53 -4.82
CA LEU A 131 -12.47 -17.27 -5.16
C LEU A 131 -12.79 -18.54 -5.91
N ASP A 132 -14.02 -19.03 -5.78
CA ASP A 132 -14.40 -20.32 -6.30
C ASP A 132 -15.29 -20.25 -7.52
N THR A 133 -15.66 -19.05 -7.96
CA THR A 133 -16.33 -18.89 -9.24
C THR A 133 -15.87 -17.59 -9.86
N ASP A 134 -15.79 -17.56 -11.18
CA ASP A 134 -15.37 -16.40 -11.93
C ASP A 134 -16.30 -15.22 -11.71
N PRO A 135 -15.86 -14.18 -10.98
CA PRO A 135 -16.77 -13.04 -10.73
C PRO A 135 -17.22 -12.34 -12.00
N ALA A 136 -16.42 -12.39 -13.06
CA ALA A 136 -16.73 -11.68 -14.30
C ALA A 136 -17.79 -12.37 -15.15
N SER A 137 -18.19 -13.60 -14.79
CA SER A 137 -19.15 -14.32 -15.62
C SER A 137 -20.46 -14.58 -14.89
N LEU A 138 -20.72 -13.87 -13.79
CA LEU A 138 -21.94 -14.08 -13.03
C LEU A 138 -23.15 -13.53 -13.80
N PRO A 139 -24.35 -14.03 -13.50
CA PRO A 139 -25.54 -13.60 -14.25
C PRO A 139 -25.77 -12.10 -14.13
N ALA A 140 -26.09 -11.46 -15.25
CA ALA A 140 -26.37 -10.03 -15.28
C ALA A 140 -27.54 -9.70 -14.36
N ALA A 141 -27.50 -8.51 -13.77
CA ALA A 141 -28.51 -8.08 -12.80
C ALA A 141 -28.37 -6.59 -12.56
N PRO A 142 -29.42 -5.92 -12.09
CA PRO A 142 -29.25 -4.57 -11.54
C PRO A 142 -28.62 -4.65 -10.15
N ALA A 143 -28.07 -3.52 -9.70
CA ALA A 143 -27.49 -3.50 -8.35
C ALA A 143 -28.60 -3.56 -7.30
N PRO A 144 -28.43 -4.34 -6.23
CA PRO A 144 -29.46 -4.43 -5.21
C PRO A 144 -29.57 -3.12 -4.44
N ASP A 145 -30.71 -2.92 -3.81
CA ASP A 145 -30.95 -1.69 -3.06
C ASP A 145 -30.20 -1.82 -1.75
N VAL A 146 -29.09 -1.11 -1.61
CA VAL A 146 -28.29 -1.11 -0.39
C VAL A 146 -28.37 0.27 0.22
N PRO A 147 -28.89 0.43 1.42
CA PRO A 147 -28.94 1.77 2.02
C PRO A 147 -27.54 2.25 2.32
N HIS A 148 -27.38 3.57 2.36
CA HIS A 148 -26.10 4.13 2.73
C HIS A 148 -25.94 4.11 4.25
N GLU A 149 -24.82 3.57 4.72
CA GLU A 149 -24.41 3.72 6.10
C GLU A 149 -23.05 4.41 6.17
N PRO A 150 -22.89 5.41 7.03
CA PRO A 150 -21.62 6.15 7.08
C PRO A 150 -20.47 5.30 7.58
N ASP A 151 -19.29 5.54 6.99
CA ASP A 151 -18.04 4.92 7.42
C ASP A 151 -18.10 3.40 7.39
N ARG A 152 -18.75 2.83 6.38
CA ARG A 152 -18.71 1.38 6.21
C ARG A 152 -17.26 0.93 6.03
N VAL A 153 -16.95 -0.29 6.52
CA VAL A 153 -15.65 -0.88 6.21
C VAL A 153 -15.56 -1.12 4.71
N CYS A 154 -14.42 -0.75 4.11
CA CYS A 154 -14.22 -1.00 2.69
C CYS A 154 -13.23 -2.10 2.37
N TYR A 155 -12.14 -2.21 3.13
CA TYR A 155 -11.26 -3.35 2.91
C TYR A 155 -10.60 -3.80 4.19
N VAL A 156 -10.21 -5.07 4.18
CA VAL A 156 -9.31 -5.65 5.17
C VAL A 156 -8.09 -6.13 4.40
N ILE A 157 -6.93 -5.56 4.73
CA ILE A 157 -5.69 -5.90 4.03
C ILE A 157 -4.70 -6.41 5.05
N TYR A 158 -4.03 -7.51 4.73
CA TYR A 158 -3.15 -8.20 5.64
C TYR A 158 -1.71 -7.73 5.44
N THR A 159 -1.05 -7.47 6.55
CA THR A 159 0.37 -7.22 6.59
C THR A 159 1.04 -8.35 7.36
N SER A 160 2.34 -8.52 7.12
CA SER A 160 3.07 -9.64 7.71
C SER A 160 3.01 -9.64 9.23
N GLY A 161 2.89 -8.47 9.84
CA GLY A 161 2.95 -8.38 11.30
C GLY A 161 4.16 -9.10 11.89
N SER A 162 3.90 -10.06 12.77
CA SER A 162 4.93 -10.93 13.31
C SER A 162 4.75 -12.34 12.78
N THR A 163 5.78 -13.16 12.96
CA THR A 163 5.72 -14.54 12.52
C THR A 163 4.63 -15.31 13.25
N GLY A 164 3.77 -15.98 12.48
CA GLY A 164 2.63 -16.66 13.06
C GLY A 164 1.51 -15.74 13.46
N ARG A 165 1.62 -14.44 13.15
CA ARG A 165 0.67 -13.42 13.62
C ARG A 165 0.39 -12.43 12.51
N PRO A 166 -0.25 -12.86 11.42
CA PRO A 166 -0.67 -11.90 10.39
C PRO A 166 -1.67 -10.95 11.01
N LYS A 167 -1.62 -9.68 10.59
CA LYS A 167 -2.56 -8.66 11.06
C LYS A 167 -3.46 -8.21 9.92
N GLY A 168 -4.77 -8.27 10.16
CA GLY A 168 -5.74 -7.78 9.19
C GLY A 168 -6.17 -6.35 9.50
N VAL A 169 -5.70 -5.41 8.69
CA VAL A 169 -6.01 -4.00 8.90
C VAL A 169 -7.40 -3.70 8.35
N VAL A 170 -8.29 -3.18 9.21
CA VAL A 170 -9.68 -2.91 8.86
C VAL A 170 -9.79 -1.42 8.52
N MET A 171 -10.00 -1.10 7.24
CA MET A 171 -10.09 0.28 6.75
C MET A 171 -11.51 0.64 6.34
N ALA A 172 -12.01 1.75 6.88
CA ALA A 172 -13.37 2.20 6.65
C ALA A 172 -13.41 3.40 5.69
N GLU A 173 -14.64 3.79 5.35
CA GLU A 173 -14.88 4.58 4.12
C GLU A 173 -14.35 6.00 4.24
N ARG A 174 -14.49 6.63 5.40
CA ARG A 174 -14.07 8.03 5.50
C ARG A 174 -12.56 8.16 5.28
N ALA A 175 -11.78 7.20 5.77
CA ALA A 175 -10.34 7.19 5.52
C ALA A 175 -10.03 7.02 4.04
N VAL A 176 -10.69 6.06 3.39
CA VAL A 176 -10.40 5.81 1.97
C VAL A 176 -10.84 7.01 1.12
N ASP A 177 -11.93 7.64 1.52
CA ASP A 177 -12.43 8.80 0.78
C ASP A 177 -11.45 9.97 0.91
N ASN A 178 -10.97 10.22 2.12
CA ASN A 178 -9.99 11.27 2.35
C ASN A 178 -8.72 11.01 1.53
N LEU A 179 -8.22 9.78 1.55
CA LEU A 179 -7.07 9.43 0.73
C LEU A 179 -7.32 9.69 -0.75
N THR A 180 -8.49 9.27 -1.23
CA THR A 180 -8.82 9.43 -2.64
C THR A 180 -8.84 10.91 -3.03
N HIS A 181 -9.50 11.74 -2.24
CA HIS A 181 -9.52 13.18 -2.50
C HIS A 181 -8.11 13.74 -2.60
N TRP A 182 -7.23 13.30 -1.70
CA TRP A 182 -5.84 13.76 -1.73
C TRP A 182 -5.14 13.35 -3.02
N VAL A 183 -5.26 12.07 -3.42
CA VAL A 183 -4.58 11.66 -4.65
C VAL A 183 -5.03 12.54 -5.81
N VAL A 184 -6.34 12.73 -5.92
CA VAL A 184 -6.92 13.43 -7.07
C VAL A 184 -6.49 14.89 -7.08
N ARG A 185 -6.56 15.54 -5.93
CA ARG A 185 -6.21 16.96 -5.89
C ARG A 185 -4.71 17.18 -5.97
N ARG A 186 -3.92 16.43 -5.18
CA ARG A 186 -2.48 16.68 -5.14
C ARG A 186 -1.83 16.43 -6.51
N HIS A 187 -2.28 15.37 -7.22
CA HIS A 187 -1.62 14.95 -8.45
C HIS A 187 -2.43 15.29 -9.69
N ASP A 188 -3.43 16.16 -9.55
CA ASP A 188 -4.19 16.68 -10.70
C ASP A 188 -4.70 15.56 -11.60
N VAL A 189 -5.37 14.57 -10.98
CA VAL A 189 -5.89 13.45 -11.75
C VAL A 189 -7.09 13.91 -12.56
N ARG A 190 -7.08 13.61 -13.85
CA ARG A 190 -8.10 14.09 -14.78
C ARG A 190 -8.69 12.92 -15.55
N PRO A 191 -9.86 13.08 -16.16
CA PRO A 191 -10.48 11.96 -16.88
C PRO A 191 -9.61 11.33 -17.94
N ASP A 192 -8.76 12.11 -18.62
CA ASP A 192 -7.92 11.52 -19.67
C ASP A 192 -6.70 10.79 -19.12
N ASP A 193 -6.55 10.68 -17.81
CA ASP A 193 -5.30 10.13 -17.30
C ASP A 193 -5.32 8.60 -17.29
N ARG A 194 -4.15 8.00 -17.08
CA ARG A 194 -3.98 6.54 -17.07
C ARG A 194 -3.12 6.22 -15.87
N LEU A 195 -3.71 5.66 -14.83
CA LEU A 195 -3.03 5.43 -13.57
C LEU A 195 -2.54 3.99 -13.57
N GLY A 196 -1.23 3.80 -13.58
CA GLY A 196 -0.69 2.45 -13.53
C GLY A 196 -0.81 1.92 -12.12
N GLN A 197 -1.08 0.63 -12.00
CA GLN A 197 -1.16 -0.03 -10.69
C GLN A 197 -0.03 -1.06 -10.63
N THR A 198 1.09 -0.67 -10.01
CA THR A 198 2.21 -1.60 -9.91
C THR A 198 1.98 -2.64 -8.83
N ALA A 199 1.59 -2.20 -7.63
CA ALA A 199 1.32 -3.11 -6.52
C ALA A 199 0.18 -4.06 -6.88
N PRO A 200 0.22 -5.31 -6.42
CA PRO A 200 -0.94 -6.19 -6.54
C PRO A 200 -2.05 -5.68 -5.63
N LEU A 201 -3.27 -6.22 -5.84
CA LEU A 201 -4.39 -5.77 -5.03
C LEU A 201 -4.24 -6.15 -3.56
N THR A 202 -3.33 -7.07 -3.25
CA THR A 202 -3.02 -7.44 -1.86
C THR A 202 -2.17 -6.43 -1.11
N PHE A 203 -1.67 -5.38 -1.76
CA PHE A 203 -0.86 -4.36 -1.11
C PHE A 203 -1.48 -2.98 -1.32
N ASP A 204 -1.43 -2.13 -0.29
CA ASP A 204 -2.39 -1.04 -0.35
C ASP A 204 -2.02 0.11 -1.29
N PRO A 205 -0.82 0.23 -1.89
CA PRO A 205 -0.69 1.28 -2.92
C PRO A 205 -1.65 1.07 -4.06
N SER A 206 -2.18 -0.14 -4.25
CA SER A 206 -3.20 -0.33 -5.28
C SER A 206 -4.45 0.52 -5.01
N VAL A 207 -4.82 0.69 -3.73
CA VAL A 207 -5.98 1.51 -3.37
C VAL A 207 -5.80 2.94 -3.85
N GLN A 208 -4.57 3.43 -3.70
CA GLN A 208 -4.20 4.78 -4.10
C GLN A 208 -4.33 5.01 -5.60
N GLN A 209 -4.24 3.96 -6.42
CA GLN A 209 -4.39 4.09 -7.86
C GLN A 209 -5.82 3.77 -8.33
N VAL A 210 -6.45 2.75 -7.77
CA VAL A 210 -7.76 2.31 -8.23
C VAL A 210 -8.83 3.36 -7.97
N PHE A 211 -8.95 3.81 -6.73
CA PHE A 211 -10.12 4.66 -6.45
C PHE A 211 -9.99 6.08 -7.02
N PRO A 212 -8.80 6.69 -7.02
CA PRO A 212 -8.68 7.97 -7.75
C PRO A 212 -8.97 7.84 -9.22
N ALA A 213 -8.59 6.73 -9.86
CA ALA A 213 -8.98 6.55 -11.26
C ALA A 213 -10.50 6.57 -11.41
N TRP A 214 -11.18 5.71 -10.66
CA TRP A 214 -12.60 5.53 -10.87
C TRP A 214 -13.42 6.71 -10.35
N ALA A 215 -12.86 7.50 -9.44
CA ALA A 215 -13.56 8.68 -8.94
C ALA A 215 -13.41 9.87 -9.86
N THR A 216 -12.64 9.75 -10.93
CA THR A 216 -12.47 10.84 -11.90
C THR A 216 -12.82 10.50 -13.32
N GLY A 217 -12.98 9.23 -13.68
CA GLY A 217 -13.19 8.89 -15.08
C GLY A 217 -11.93 8.48 -15.82
N ALA A 218 -10.80 8.47 -15.13
CA ALA A 218 -9.53 8.04 -15.70
C ALA A 218 -9.51 6.52 -15.86
N CYS A 219 -8.44 6.00 -16.46
CA CYS A 219 -8.29 4.57 -16.67
C CYS A 219 -7.27 3.98 -15.69
N LEU A 220 -7.67 2.95 -14.97
CA LEU A 220 -6.75 2.16 -14.16
C LEU A 220 -6.06 1.16 -15.07
N VAL A 221 -4.71 1.17 -15.09
CA VAL A 221 -3.94 0.29 -15.99
C VAL A 221 -3.08 -0.62 -15.12
N THR A 222 -3.45 -1.89 -15.01
CA THR A 222 -2.66 -2.77 -14.15
C THR A 222 -1.33 -3.11 -14.83
N VAL A 223 -0.25 -3.06 -14.05
CA VAL A 223 1.07 -3.37 -14.58
C VAL A 223 1.25 -4.88 -14.64
N PRO A 224 1.44 -5.45 -15.82
CA PRO A 224 1.51 -6.92 -15.93
C PRO A 224 2.70 -7.47 -15.20
N ASP A 225 2.55 -8.69 -14.68
CA ASP A 225 3.66 -9.30 -13.95
C ASP A 225 4.89 -9.48 -14.84
N ASP A 226 4.69 -9.77 -16.14
CA ASP A 226 5.82 -10.01 -17.03
C ASP A 226 6.63 -8.77 -17.36
N VAL A 227 6.18 -7.57 -17.00
CA VAL A 227 7.04 -6.41 -17.20
C VAL A 227 7.64 -5.94 -15.89
N GLN A 228 7.12 -6.38 -14.75
CA GLN A 228 7.58 -5.84 -13.47
C GLN A 228 8.98 -6.32 -13.13
N ARG A 229 9.24 -7.60 -13.37
CA ARG A 229 10.55 -8.15 -13.08
C ARG A 229 11.59 -7.84 -14.14
N ASP A 230 11.25 -7.04 -15.16
CA ASP A 230 12.19 -6.65 -16.22
C ASP A 230 12.17 -5.13 -16.26
N PRO A 231 13.06 -4.47 -15.51
CA PRO A 231 12.98 -3.01 -15.40
C PRO A 231 13.11 -2.31 -16.74
N ALA A 232 14.00 -2.79 -17.62
CA ALA A 232 14.08 -2.22 -18.96
C ALA A 232 12.73 -2.32 -19.68
N ALA A 233 12.06 -3.47 -19.57
CA ALA A 233 10.76 -3.63 -20.23
C ALA A 233 9.70 -2.75 -19.57
N PHE A 234 9.79 -2.59 -18.26
CA PHE A 234 8.85 -1.73 -17.55
C PHE A 234 8.96 -0.29 -18.04
N LEU A 235 10.18 0.21 -18.25
CA LEU A 235 10.31 1.58 -18.73
C LEU A 235 9.67 1.73 -20.11
N ASP A 236 9.88 0.75 -21.00
CA ASP A 236 9.28 0.85 -22.31
C ASP A 236 7.76 0.69 -22.25
N TRP A 237 7.27 -0.13 -21.31
CA TRP A 237 5.83 -0.31 -21.14
C TRP A 237 5.17 0.99 -20.67
N LEU A 238 5.83 1.75 -19.79
CA LEU A 238 5.25 3.01 -19.35
C LEU A 238 5.07 3.97 -20.51
N ARG A 239 6.05 3.99 -21.42
CA ARG A 239 5.95 4.79 -22.64
C ARG A 239 4.80 4.30 -23.51
N ALA A 240 4.78 3.00 -23.79
CA ALA A 240 3.80 2.44 -24.70
C ALA A 240 2.39 2.63 -24.18
N GLU A 241 2.19 2.53 -22.87
CA GLU A 241 0.86 2.64 -22.30
C GLU A 241 0.51 4.07 -21.92
N ARG A 242 1.38 5.05 -22.17
N ARG A 242 1.40 5.04 -22.15
CA ARG A 242 1.05 6.47 -21.98
CA ARG A 242 1.06 6.45 -21.99
C ARG A 242 0.62 6.74 -20.54
C ARG A 242 0.62 6.74 -20.55
N VAL A 243 1.28 6.07 -19.59
CA VAL A 243 0.88 6.16 -18.19
C VAL A 243 1.19 7.56 -17.65
N THR A 244 0.24 8.13 -16.90
CA THR A 244 0.38 9.48 -16.35
C THR A 244 0.70 9.51 -14.86
N HIS A 245 0.30 8.48 -14.11
CA HIS A 245 0.54 8.39 -12.67
C HIS A 245 0.95 6.97 -12.34
N LEU A 246 1.88 6.80 -11.41
CA LEU A 246 2.43 5.48 -11.15
C LEU A 246 2.75 5.34 -9.68
N ASP A 247 2.45 4.18 -9.09
CA ASP A 247 2.90 3.89 -7.73
C ASP A 247 4.17 3.04 -7.84
N LEU A 248 5.16 3.30 -6.96
CA LEU A 248 6.35 2.46 -6.91
C LEU A 248 6.81 2.33 -5.47
N VAL A 249 7.32 1.17 -5.09
CA VAL A 249 8.08 1.09 -3.84
C VAL A 249 9.53 1.46 -4.15
N THR A 250 10.22 1.97 -3.13
CA THR A 250 11.58 2.50 -3.30
C THR A 250 12.52 1.51 -3.98
N SER A 251 12.52 0.25 -3.57
CA SER A 251 13.49 -0.69 -4.12
C SER A 251 13.21 -0.99 -5.58
N HIS A 252 11.94 -1.01 -5.99
CA HIS A 252 11.59 -1.19 -7.40
C HIS A 252 12.04 0.01 -8.23
N TRP A 253 11.84 1.22 -7.70
CA TRP A 253 12.31 2.42 -8.38
C TRP A 253 13.83 2.38 -8.55
N VAL A 254 14.58 1.86 -7.57
CA VAL A 254 16.04 1.81 -7.73
C VAL A 254 16.42 0.93 -8.91
N HIS A 255 15.71 -0.17 -9.11
CA HIS A 255 15.93 -1.00 -10.30
C HIS A 255 15.62 -0.24 -11.58
N LEU A 256 14.56 0.58 -11.57
CA LEU A 256 14.23 1.40 -12.74
C LEU A 256 15.31 2.44 -13.00
N LEU A 257 15.82 3.09 -11.94
CA LEU A 257 16.90 4.04 -12.09
C LEU A 257 18.10 3.38 -12.76
N ASN A 258 18.41 2.15 -12.36
CA ASN A 258 19.56 1.44 -12.92
C ASN A 258 19.32 1.15 -14.40
N ALA A 259 18.09 0.72 -14.73
CA ALA A 259 17.73 0.49 -16.13
C ALA A 259 17.80 1.79 -16.93
N ALA A 260 17.37 2.90 -16.33
CA ALA A 260 17.41 4.17 -17.03
C ALA A 260 18.85 4.63 -17.27
N GLU A 261 19.73 4.35 -16.32
CA GLU A 261 21.14 4.71 -16.54
C GLU A 261 21.77 3.84 -17.61
N ALA A 262 21.30 2.60 -17.76
CA ALA A 262 21.77 1.73 -18.83
C ALA A 262 21.20 2.12 -20.19
N ARG A 263 20.01 2.71 -20.20
CA ARG A 263 19.39 3.16 -21.45
C ARG A 263 18.43 4.29 -21.11
N PRO A 264 18.87 5.55 -21.20
CA PRO A 264 18.01 6.66 -20.79
C PRO A 264 16.67 6.67 -21.52
N ALA A 265 15.64 7.10 -20.80
CA ALA A 265 14.26 6.89 -21.21
C ALA A 265 13.56 8.22 -21.39
N GLU A 266 12.67 8.27 -22.37
CA GLU A 266 11.75 9.39 -22.55
C GLU A 266 10.37 8.92 -22.12
N LEU A 267 9.77 9.64 -21.19
CA LEU A 267 8.43 9.32 -20.67
C LEU A 267 7.62 10.60 -20.67
N PRO A 268 7.25 11.09 -21.85
CA PRO A 268 6.58 12.41 -21.92
C PRO A 268 5.21 12.45 -21.28
N ASP A 269 4.52 11.31 -21.12
CA ASP A 269 3.17 11.32 -20.59
C ASP A 269 3.13 11.17 -19.06
N LEU A 270 4.22 10.74 -18.46
CA LEU A 270 4.26 10.48 -17.02
C LEU A 270 4.40 11.81 -16.26
N ARG A 271 3.46 12.11 -15.36
CA ARG A 271 3.48 13.34 -14.58
C ARG A 271 3.79 13.12 -13.11
N TRP A 272 3.45 11.95 -12.55
CA TRP A 272 3.66 11.70 -11.12
C TRP A 272 4.11 10.27 -10.88
N ILE A 273 5.15 10.12 -10.08
CA ILE A 273 5.49 8.85 -9.46
C ILE A 273 5.31 9.04 -7.96
N ILE A 274 4.41 8.29 -7.36
CA ILE A 274 4.17 8.32 -5.94
C ILE A 274 4.98 7.17 -5.36
N ILE A 275 6.04 7.49 -4.66
CA ILE A 275 7.12 6.55 -4.36
C ILE A 275 7.43 6.54 -2.86
N GLY A 276 7.63 5.34 -2.31
CA GLY A 276 8.05 5.27 -0.92
C GLY A 276 8.24 3.84 -0.48
N GLY A 277 8.61 3.69 0.79
CA GLY A 277 8.80 2.37 1.36
C GLY A 277 10.11 2.24 2.12
N GLU A 278 11.15 2.88 1.60
CA GLU A 278 12.47 2.85 2.23
C GLU A 278 13.12 4.22 2.03
N THR A 279 14.09 4.52 2.90
CA THR A 279 14.82 5.77 2.76
C THR A 279 15.62 5.81 1.45
N TYR A 280 15.60 6.97 0.79
CA TYR A 280 16.47 7.18 -0.35
C TYR A 280 17.01 8.61 -0.30
N TYR A 281 17.87 8.94 -1.27
CA TYR A 281 18.83 10.02 -1.17
C TYR A 281 18.81 10.89 -2.42
N TYR A 282 19.14 12.17 -2.23
CA TYR A 282 19.12 13.10 -3.35
C TYR A 282 20.13 12.76 -4.42
N HIS A 283 21.25 12.10 -4.07
CA HIS A 283 22.19 11.69 -5.11
C HIS A 283 21.56 10.64 -6.03
N GLN A 284 20.57 9.90 -5.56
CA GLN A 284 19.83 8.98 -6.42
C GLN A 284 18.77 9.70 -7.25
N THR A 285 17.94 10.52 -6.61
CA THR A 285 16.89 11.19 -7.37
C THR A 285 17.48 12.20 -8.35
N HIS A 286 18.65 12.76 -8.04
CA HIS A 286 19.34 13.63 -9.01
C HIS A 286 19.79 12.82 -10.21
N ARG A 287 20.33 11.62 -9.97
CA ARG A 287 20.70 10.73 -11.07
C ARG A 287 19.49 10.41 -11.94
N TRP A 288 18.34 10.18 -11.30
CA TRP A 288 17.12 9.83 -12.03
C TRP A 288 16.73 10.92 -13.01
N HIS A 289 16.64 12.17 -12.52
CA HIS A 289 16.22 13.27 -13.38
C HIS A 289 17.23 13.55 -14.49
N ARG A 290 18.47 13.08 -14.35
CA ARG A 290 19.46 13.25 -15.42
C ARG A 290 19.20 12.29 -16.59
N VAL A 291 18.69 11.08 -16.33
CA VAL A 291 18.56 10.07 -17.37
C VAL A 291 17.12 9.76 -17.73
N VAL A 292 16.15 10.33 -17.03
CA VAL A 292 14.75 10.17 -17.40
C VAL A 292 14.28 11.52 -17.90
N SER A 293 13.99 11.60 -19.19
CA SER A 293 13.43 12.81 -19.80
C SER A 293 11.91 12.73 -19.68
N SER A 294 11.35 13.53 -18.78
CA SER A 294 9.94 13.39 -18.45
C SER A 294 9.53 14.58 -17.60
N PRO A 295 8.28 15.02 -17.65
CA PRO A 295 7.81 15.98 -16.64
C PRO A 295 7.54 15.32 -15.29
N ALA A 296 7.69 14.00 -15.20
CA ALA A 296 7.28 13.27 -14.00
C ALA A 296 7.97 13.79 -12.75
N ARG A 297 7.19 14.09 -11.72
CA ARG A 297 7.75 14.45 -10.43
C ARG A 297 7.63 13.29 -9.44
N LEU A 298 8.58 13.21 -8.53
CA LEU A 298 8.64 12.15 -7.53
C LEU A 298 8.01 12.69 -6.26
N ASN A 299 6.85 12.19 -5.91
CA ASN A 299 6.24 12.52 -4.62
C ASN A 299 6.59 11.41 -3.65
N THR A 300 7.54 11.70 -2.75
CA THR A 300 7.95 10.73 -1.74
C THR A 300 6.86 10.63 -0.69
N ILE A 301 6.43 9.39 -0.37
CA ILE A 301 5.42 9.20 0.67
C ILE A 301 5.91 8.20 1.71
N TYR A 302 5.35 8.33 2.91
CA TYR A 302 5.58 7.42 4.02
C TYR A 302 4.24 7.14 4.67
N GLY A 303 4.03 5.91 5.14
CA GLY A 303 2.87 5.65 5.96
C GLY A 303 2.54 4.18 6.04
N PRO A 304 2.08 3.72 7.21
CA PRO A 304 1.73 2.30 7.35
C PRO A 304 0.34 2.01 6.81
N THR A 305 0.09 0.71 6.62
CA THR A 305 -1.24 0.26 6.16
C THR A 305 -2.34 0.71 7.10
N GLU A 306 -2.03 0.80 8.39
CA GLU A 306 -2.95 1.16 9.44
C GLU A 306 -3.41 2.62 9.37
N ALA A 307 -2.83 3.42 8.47
CA ALA A 307 -3.27 4.81 8.34
C ALA A 307 -3.57 5.15 6.89
N ALA A 308 -4.24 4.23 6.18
CA ALA A 308 -4.78 4.49 4.82
C ALA A 308 -3.68 4.87 3.83
N VAL A 309 -2.75 3.93 3.62
CA VAL A 309 -1.75 3.91 2.56
C VAL A 309 -0.60 4.86 2.85
N ASN A 310 -0.88 6.16 2.92
CA ASN A 310 0.15 7.16 3.16
C ASN A 310 -0.25 8.08 4.30
N ALA A 311 0.76 8.65 4.96
CA ALA A 311 0.50 9.60 6.05
C ALA A 311 1.26 10.91 5.85
N THR A 312 2.40 10.89 5.14
CA THR A 312 3.21 12.08 4.87
C THR A 312 3.66 12.08 3.43
N GLU A 313 3.99 13.27 2.93
CA GLU A 313 4.41 13.46 1.54
C GLU A 313 5.50 14.52 1.45
N HIS A 314 6.44 14.31 0.53
CA HIS A 314 7.47 15.32 0.22
C HIS A 314 7.71 15.34 -1.27
N LEU A 315 7.49 16.49 -1.89
CA LEU A 315 7.77 16.66 -3.31
C LEU A 315 9.28 16.75 -3.51
N THR A 316 9.87 15.79 -4.21
CA THR A 316 11.33 15.70 -4.28
C THR A 316 11.89 16.71 -5.27
N GLU A 317 12.77 17.57 -4.78
CA GLU A 317 13.42 18.57 -5.61
C GLU A 317 14.45 17.92 -6.54
N PRO A 318 14.38 18.17 -7.85
CA PRO A 318 15.33 17.53 -8.76
C PRO A 318 16.73 18.14 -8.73
N ASP A 319 16.88 19.40 -8.29
CA ASP A 319 18.18 20.06 -8.31
C ASP A 319 19.09 19.60 -7.16
N LEU A 320 18.52 19.15 -6.05
CA LEU A 320 19.32 18.73 -4.90
C LEU A 320 20.06 17.44 -5.21
N ASP A 321 21.34 17.34 -4.76
CA ASP A 321 22.14 16.19 -5.17
C ASP A 321 22.87 15.50 -4.02
N HIS A 322 22.57 15.84 -2.77
CA HIS A 322 23.13 15.10 -1.65
C HIS A 322 22.18 15.18 -0.47
N GLY A 323 22.36 14.28 0.49
CA GLY A 323 21.54 14.23 1.68
C GLY A 323 20.36 13.29 1.53
N GLN A 324 19.70 13.05 2.66
CA GLN A 324 18.56 12.14 2.74
C GLN A 324 17.27 12.87 2.39
N VAL A 325 16.45 12.27 1.54
CA VAL A 325 15.14 12.86 1.24
C VAL A 325 14.23 12.74 2.46
N PRO A 326 13.64 13.83 2.95
CA PRO A 326 12.70 13.71 4.06
C PRO A 326 11.41 13.04 3.62
N ILE A 327 10.67 12.52 4.61
CA ILE A 327 9.33 11.99 4.32
C ILE A 327 8.26 13.07 4.35
N GLY A 328 8.57 14.27 4.86
CA GLY A 328 7.72 15.42 4.59
C GLY A 328 6.65 15.81 5.59
N VAL A 329 5.50 16.23 5.09
CA VAL A 329 4.45 16.86 5.89
C VAL A 329 3.21 15.97 5.83
N PRO A 330 2.32 16.06 6.81
CA PRO A 330 1.19 15.14 6.85
C PRO A 330 0.22 15.37 5.69
N LEU A 331 -0.41 14.28 5.26
CA LEU A 331 -1.50 14.39 4.31
C LEU A 331 -2.63 15.21 4.95
N PRO A 332 -3.56 15.71 4.14
CA PRO A 332 -4.73 16.43 4.70
C PRO A 332 -5.46 15.59 5.74
N ASN A 333 -5.74 16.22 6.89
CA ASN A 333 -6.45 15.64 8.03
C ASN A 333 -5.66 14.55 8.75
N TYR A 334 -4.36 14.44 8.49
CA TYR A 334 -3.45 13.61 9.27
C TYR A 334 -2.65 14.47 10.23
N ARG A 335 -2.30 13.90 11.38
CA ARG A 335 -1.40 14.54 12.33
C ARG A 335 -0.43 13.48 12.82
N LEU A 336 0.84 13.85 12.97
CA LEU A 336 1.85 12.90 13.39
C LEU A 336 2.71 13.50 14.49
N TYR A 337 3.18 12.64 15.39
CA TYR A 337 3.93 13.05 16.57
C TYR A 337 5.09 12.10 16.77
N ALA A 338 6.25 12.66 17.15
CA ALA A 338 7.40 11.85 17.55
C ALA A 338 7.44 11.83 19.07
N LEU A 339 7.26 10.65 19.67
CA LEU A 339 7.17 10.49 21.11
C LEU A 339 8.36 9.68 21.62
N ASP A 340 8.88 10.05 22.79
CA ASP A 340 9.94 9.25 23.35
C ASP A 340 9.36 8.00 24.02
N ASP A 341 10.23 7.22 24.66
CA ASP A 341 9.80 5.97 25.27
C ASP A 341 8.77 6.19 26.37
N ASP A 342 8.75 7.38 26.96
CA ASP A 342 7.79 7.74 28.00
C ASP A 342 6.48 8.30 27.45
N GLY A 343 6.42 8.62 26.17
CA GLY A 343 5.23 9.20 25.60
C GLY A 343 5.20 10.71 25.58
N ARG A 344 6.33 11.37 25.80
CA ARG A 344 6.44 12.82 25.68
C ARG A 344 6.78 13.21 24.24
N LEU A 345 6.22 14.33 23.79
CA LEU A 345 6.52 14.85 22.45
C LEU A 345 7.97 15.31 22.37
N CYS A 346 8.70 14.78 21.40
CA CYS A 346 10.12 15.12 21.24
C CYS A 346 10.26 16.54 20.71
N PRO A 347 11.26 17.29 21.17
CA PRO A 347 11.57 18.58 20.55
C PRO A 347 12.02 18.40 19.11
N PRO A 348 11.89 19.44 18.29
CA PRO A 348 12.46 19.39 16.93
C PRO A 348 13.91 18.96 16.98
N GLY A 349 14.28 18.06 16.08
CA GLY A 349 15.64 17.57 15.98
C GLY A 349 15.91 16.27 16.70
N ILE A 350 15.02 15.86 17.61
CA ILE A 350 15.22 14.67 18.44
C ILE A 350 14.39 13.53 17.87
N THR A 351 15.03 12.37 17.74
CA THR A 351 14.38 11.19 17.17
C THR A 351 13.43 10.55 18.16
N GLY A 352 12.19 10.31 17.73
CA GLY A 352 11.22 9.59 18.53
C GLY A 352 10.42 8.62 17.70
N GLU A 353 9.49 7.92 18.35
CA GLU A 353 8.60 7.00 17.65
C GLU A 353 7.40 7.75 17.07
N ILE A 354 7.08 7.45 15.80
CA ILE A 354 5.97 8.13 15.14
C ILE A 354 4.64 7.55 15.64
N HIS A 355 3.75 8.44 16.07
CA HIS A 355 2.36 8.09 16.39
C HIS A 355 1.48 8.91 15.47
N ILE A 356 0.47 8.28 14.87
CA ILE A 356 -0.35 8.93 13.84
C ILE A 356 -1.78 9.08 14.31
N ALA A 357 -2.35 10.27 14.06
CA ALA A 357 -3.74 10.60 14.35
C ALA A 357 -4.46 11.04 13.06
N GLY A 358 -5.79 11.07 13.12
CA GLY A 358 -6.55 11.73 12.08
C GLY A 358 -7.43 10.86 11.22
N ALA A 359 -7.80 11.39 10.05
CA ALA A 359 -8.85 10.81 9.23
C ALA A 359 -8.44 9.51 8.57
N GLY A 360 -7.14 9.25 8.46
CA GLY A 360 -6.67 8.06 7.79
C GLY A 360 -6.62 6.80 8.64
N LEU A 361 -6.91 6.87 9.95
CA LEU A 361 -6.69 5.72 10.81
C LEU A 361 -7.65 4.58 10.48
N ALA A 362 -7.10 3.36 10.51
CA ALA A 362 -7.91 2.15 10.43
C ALA A 362 -8.87 2.11 11.62
N ARG A 363 -10.01 1.44 11.40
CA ARG A 363 -10.88 1.06 12.51
C ARG A 363 -10.06 0.36 13.60
N GLY A 364 -9.08 -0.43 13.17
CA GLY A 364 -8.28 -1.27 14.02
C GLY A 364 -7.87 -2.50 13.23
N TYR A 365 -7.48 -3.55 13.94
CA TYR A 365 -7.26 -4.85 13.32
C TYR A 365 -8.49 -5.75 13.51
N ARG A 366 -8.52 -6.84 12.76
CA ARG A 366 -9.57 -7.84 12.98
C ARG A 366 -9.46 -8.43 14.38
N SER A 367 -8.25 -8.59 14.89
CA SER A 367 -8.01 -9.14 16.23
C SER A 367 -8.01 -8.05 17.29
N ALA A 368 -8.72 -8.29 18.40
CA ALA A 368 -8.81 -7.32 19.48
C ALA A 368 -7.46 -7.08 20.16
N GLU A 369 -6.65 -8.13 20.34
CA GLU A 369 -5.37 -7.94 21.03
C GLU A 369 -4.45 -7.02 20.28
N ALA A 370 -4.33 -7.23 18.96
CA ALA A 370 -3.46 -6.37 18.18
C ALA A 370 -3.96 -4.93 18.21
N THR A 371 -5.29 -4.75 18.21
CA THR A 371 -5.82 -3.39 18.26
C THR A 371 -5.48 -2.72 19.57
N ALA A 372 -5.67 -3.43 20.68
CA ALA A 372 -5.37 -2.84 21.99
C ALA A 372 -3.89 -2.50 22.13
N LYS A 373 -2.99 -3.23 21.46
CA LYS A 373 -1.57 -2.96 21.57
C LYS A 373 -1.07 -1.79 20.73
N ALA A 374 -1.77 -1.42 19.66
CA ALA A 374 -1.27 -0.41 18.74
C ALA A 374 -2.05 0.89 18.73
N PHE A 375 -3.33 0.84 19.10
CA PHE A 375 -4.18 2.04 19.07
C PHE A 375 -4.47 2.45 20.51
N HIS A 376 -4.23 3.73 20.80
CA HIS A 376 -4.35 4.23 22.17
C HIS A 376 -4.79 5.69 22.10
N GLU A 377 -5.03 6.28 23.27
CA GLU A 377 -5.47 7.66 23.40
C GLU A 377 -4.51 8.45 24.27
N LEU A 378 -4.21 9.68 23.85
CA LEU A 378 -3.21 10.49 24.55
C LEU A 378 -3.50 11.96 24.34
N GLU A 379 -3.39 12.76 25.41
CA GLU A 379 -3.49 14.22 25.30
C GLU A 379 -2.12 14.76 24.90
N VAL A 380 -1.94 15.06 23.61
CA VAL A 380 -0.63 15.49 23.14
C VAL A 380 -0.42 16.98 23.39
N HIS A 381 -1.45 17.79 23.23
CA HIS A 381 -1.42 19.20 23.59
C HIS A 381 -2.60 19.49 24.50
N SER A 382 -2.47 20.58 25.27
CA SER A 382 -3.54 21.00 26.17
C SER A 382 -4.86 21.12 25.43
N GLY A 383 -5.83 20.28 25.78
CA GLY A 383 -7.13 20.29 25.14
C GLY A 383 -7.27 19.42 23.91
N ARG A 384 -6.21 18.78 23.43
CA ARG A 384 -6.28 17.93 22.24
C ARG A 384 -5.97 16.49 22.63
N THR A 385 -7.02 15.67 22.77
CA THR A 385 -6.87 14.24 23.03
C THR A 385 -6.97 13.51 21.70
N GLU A 386 -5.96 12.72 21.37
CA GLU A 386 -5.86 12.06 20.07
C GLU A 386 -6.07 10.55 20.21
N ARG A 387 -6.80 9.96 19.27
CA ARG A 387 -6.65 8.53 19.03
C ARG A 387 -5.41 8.35 18.16
N LEU A 388 -4.46 7.55 18.64
CA LEU A 388 -3.16 7.39 17.99
C LEU A 388 -2.93 5.95 17.58
N TYR A 389 -2.28 5.77 16.43
CA TYR A 389 -1.72 4.48 16.03
C TYR A 389 -0.22 4.52 16.25
N ARG A 390 0.30 3.58 17.04
CA ARG A 390 1.73 3.47 17.34
C ARG A 390 2.43 2.67 16.24
N THR A 391 3.39 3.31 15.53
CA THR A 391 3.91 2.73 14.30
C THR A 391 5.12 1.82 14.47
N GLY A 392 5.91 1.99 15.53
CA GLY A 392 7.23 1.37 15.57
C GLY A 392 8.27 1.99 14.68
N ASP A 393 7.95 3.06 13.95
CA ASP A 393 8.91 3.78 13.11
C ASP A 393 9.49 4.94 13.89
N LEU A 394 10.72 5.31 13.56
CA LEU A 394 11.43 6.39 14.24
C LEU A 394 11.63 7.55 13.27
N ALA A 395 11.54 8.77 13.78
CA ALA A 395 11.73 9.94 12.93
C ALA A 395 11.98 11.15 13.81
N ARG A 396 12.45 12.21 13.18
CA ARG A 396 12.68 13.47 13.87
C ARG A 396 12.16 14.62 13.01
N LEU A 397 11.70 15.68 13.68
CA LEU A 397 11.22 16.87 12.99
C LEU A 397 12.40 17.77 12.65
N VAL A 398 12.54 18.14 11.38
CA VAL A 398 13.64 18.95 10.90
C VAL A 398 13.12 20.13 10.09
N ARG A 399 13.97 21.14 9.93
CA ARG A 399 13.71 22.23 9.00
C ARG A 399 14.22 21.82 7.63
N HIS A 400 13.37 21.93 6.62
CA HIS A 400 13.74 21.62 5.25
C HIS A 400 13.10 22.67 4.33
N ALA A 401 13.95 23.39 3.62
CA ALA A 401 13.58 24.64 2.95
C ALA A 401 13.09 25.55 4.06
N ASP A 402 11.89 26.12 3.99
CA ASP A 402 11.43 27.00 5.06
C ASP A 402 10.21 26.42 5.75
N ARG A 403 10.26 25.15 6.12
CA ARG A 403 9.13 24.53 6.81
C ARG A 403 9.61 23.28 7.52
N TRP A 404 8.77 22.79 8.43
CA TRP A 404 9.06 21.59 9.20
C TRP A 404 8.73 20.34 8.37
N ALA A 405 9.54 19.30 8.57
CA ALA A 405 9.34 18.04 7.87
C ALA A 405 9.86 16.91 8.75
N LEU A 406 9.22 15.75 8.63
CA LEU A 406 9.77 14.58 9.31
C LEU A 406 10.87 13.95 8.47
N GLU A 407 11.90 13.46 9.15
CA GLU A 407 12.96 12.70 8.51
C GLU A 407 13.03 11.33 9.17
N PHE A 408 12.84 10.29 8.35
CA PHE A 408 12.77 8.93 8.83
C PHE A 408 14.13 8.48 9.35
N GLN A 409 14.10 7.69 10.43
CA GLN A 409 15.34 7.32 11.10
C GLN A 409 15.44 5.83 11.39
N GLY A 410 14.49 5.01 10.97
CA GLY A 410 14.56 3.59 11.23
C GLY A 410 13.39 3.08 12.05
N ARG A 411 13.53 1.90 12.65
CA ARG A 411 12.47 1.25 13.40
C ARG A 411 12.96 0.87 14.79
N VAL A 412 12.03 0.45 15.63
CA VAL A 412 12.38 0.01 16.99
C VAL A 412 12.65 -1.49 17.07
N ASP A 413 12.41 -2.23 15.99
CA ASP A 413 12.52 -3.69 16.00
C ASP A 413 13.43 -4.09 14.83
N SER A 414 13.40 -5.37 14.47
CA SER A 414 14.31 -5.91 13.47
C SER A 414 13.67 -6.08 12.10
N GLN A 415 12.45 -5.58 11.91
CA GLN A 415 11.75 -5.78 10.65
C GLN A 415 12.51 -5.04 9.54
N VAL A 416 12.71 -5.73 8.41
CA VAL A 416 13.44 -5.20 7.28
C VAL A 416 12.63 -5.52 6.02
N LYS A 417 13.08 -5.03 4.87
CA LYS A 417 12.39 -5.24 3.61
C LYS A 417 13.31 -5.89 2.59
N ILE A 418 12.75 -6.78 1.78
CA ILE A 418 13.47 -7.43 0.69
C ILE A 418 12.67 -7.24 -0.58
N SER A 419 13.32 -6.72 -1.63
CA SER A 419 12.64 -6.28 -2.83
C SER A 419 11.36 -5.52 -2.47
N GLY A 420 11.40 -4.73 -1.39
CA GLY A 420 10.28 -3.90 -1.02
C GLY A 420 9.21 -4.57 -0.19
N TYR A 421 9.40 -5.84 0.19
CA TYR A 421 8.41 -6.57 0.99
C TYR A 421 8.91 -6.70 2.42
N ARG A 422 8.04 -6.44 3.40
CA ARG A 422 8.42 -6.68 4.79
C ARG A 422 8.75 -8.15 4.98
N VAL A 423 9.74 -8.40 5.83
CA VAL A 423 10.19 -9.76 6.12
C VAL A 423 10.70 -9.80 7.55
N GLU A 424 10.28 -10.84 8.27
CA GLU A 424 10.96 -11.28 9.47
C GLU A 424 11.84 -12.44 9.03
N LEU A 425 13.15 -12.21 8.99
CA LEU A 425 14.08 -13.24 8.53
C LEU A 425 13.90 -14.54 9.31
N GLU A 426 13.43 -14.45 10.56
CA GLU A 426 13.18 -15.65 11.37
C GLU A 426 12.08 -16.52 10.78
N GLU A 427 11.07 -15.91 10.16
CA GLU A 427 10.02 -16.70 9.52
C GLU A 427 10.57 -17.53 8.37
N VAL A 428 11.45 -16.94 7.56
CA VAL A 428 12.08 -17.68 6.47
C VAL A 428 13.00 -18.77 7.02
N ASP A 429 13.72 -18.45 8.10
CA ASP A 429 14.50 -19.46 8.82
C ASP A 429 13.65 -20.67 9.19
N ALA A 430 12.49 -20.43 9.81
CA ALA A 430 11.65 -21.51 10.32
C ALA A 430 11.06 -22.35 9.19
N ALA A 431 10.76 -21.72 8.04
CA ALA A 431 10.21 -22.46 6.91
C ALA A 431 11.24 -23.43 6.34
N VAL A 432 12.46 -22.95 6.09
CA VAL A 432 13.47 -23.79 5.44
C VAL A 432 13.85 -24.96 6.35
N LYS A 433 14.03 -24.70 7.64
CA LYS A 433 14.38 -25.77 8.58
C LYS A 433 13.26 -26.77 8.77
N ALA A 434 12.01 -26.38 8.49
CA ALA A 434 10.87 -27.28 8.62
C ALA A 434 10.77 -28.29 7.50
N VAL A 435 11.49 -28.07 6.40
CA VAL A 435 11.50 -29.00 5.28
C VAL A 435 12.25 -30.26 5.73
N PRO A 436 11.61 -31.43 5.72
CA PRO A 436 12.33 -32.65 6.11
C PRO A 436 13.51 -32.92 5.19
N GLY A 437 14.67 -33.16 5.79
CA GLY A 437 15.94 -33.26 5.09
C GLY A 437 16.88 -32.11 5.35
N VAL A 438 16.34 -30.91 5.60
CA VAL A 438 17.14 -29.74 5.95
C VAL A 438 17.49 -29.82 7.43
N ARG A 439 18.80 -29.92 7.72
CA ARG A 439 19.25 -30.02 9.11
C ARG A 439 19.35 -28.65 9.78
N ASP A 440 19.71 -27.61 9.04
CA ASP A 440 19.87 -26.27 9.59
C ASP A 440 19.95 -25.31 8.42
N ALA A 441 19.77 -24.02 8.71
CA ALA A 441 19.76 -23.03 7.65
C ALA A 441 19.94 -21.62 8.24
N ALA A 442 20.55 -20.75 7.43
CA ALA A 442 20.72 -19.34 7.76
C ALA A 442 20.35 -18.51 6.54
N VAL A 443 19.44 -17.55 6.73
CA VAL A 443 18.99 -16.68 5.65
C VAL A 443 19.56 -15.29 5.91
N VAL A 444 20.20 -14.70 4.90
CA VAL A 444 20.85 -13.40 5.02
C VAL A 444 20.34 -12.47 3.92
N VAL A 445 20.16 -11.19 4.27
CA VAL A 445 19.92 -10.16 3.26
C VAL A 445 21.22 -9.86 2.54
N ARG A 446 21.16 -9.82 1.21
CA ARG A 446 22.35 -9.58 0.41
C ARG A 446 22.52 -8.09 0.11
N GLY A 447 21.57 -7.52 -0.64
CA GLY A 447 21.63 -6.11 -1.02
C GLY A 447 21.65 -5.14 0.15
N ALA A 450 18.64 -5.76 0.16
CA ALA A 450 17.62 -4.89 -0.40
C ALA A 450 16.86 -5.61 -1.50
N GLU A 451 17.57 -6.39 -2.32
CA GLU A 451 16.97 -7.01 -3.48
C GLU A 451 17.28 -8.51 -3.54
N GLN A 452 18.01 -9.05 -2.56
CA GLN A 452 18.31 -10.47 -2.62
C GLN A 452 18.23 -11.11 -1.24
N LEU A 453 17.51 -12.24 -1.19
CA LEU A 453 17.41 -13.10 -0.02
C LEU A 453 18.22 -14.37 -0.31
N VAL A 454 19.31 -14.54 0.42
CA VAL A 454 20.23 -15.66 0.20
C VAL A 454 20.15 -16.59 1.39
N CYS A 455 20.04 -17.89 1.12
CA CYS A 455 19.93 -18.91 2.14
C CYS A 455 21.05 -19.92 1.98
N CYS A 456 21.76 -20.19 3.06
CA CYS A 456 22.66 -21.33 3.14
C CYS A 456 22.02 -22.38 4.03
N TYR A 457 22.04 -23.63 3.57
CA TYR A 457 21.37 -24.71 4.27
C TYR A 457 22.17 -25.99 4.21
N VAL A 458 22.18 -26.71 5.33
CA VAL A 458 22.80 -28.02 5.45
C VAL A 458 21.71 -29.06 5.26
N GLY A 459 21.82 -29.86 4.20
CA GLY A 459 20.80 -30.87 3.96
C GLY A 459 21.07 -31.70 2.73
N ASP A 460 20.41 -32.86 2.69
CA ASP A 460 20.50 -33.83 1.61
C ASP A 460 19.42 -33.58 0.53
N VAL A 461 18.95 -32.36 0.38
CA VAL A 461 17.86 -32.01 -0.52
C VAL A 461 18.41 -31.05 -1.57
N PRO A 462 18.24 -31.32 -2.88
CA PRO A 462 18.77 -30.42 -3.89
C PRO A 462 18.05 -29.09 -3.89
N PRO A 463 18.71 -28.01 -4.32
CA PRO A 463 18.07 -26.68 -4.27
C PRO A 463 16.76 -26.59 -5.03
N ASP A 464 16.68 -27.20 -6.23
CA ASP A 464 15.45 -27.15 -7.00
C ASP A 464 14.29 -27.78 -6.24
N ARG A 465 14.56 -28.86 -5.50
CA ARG A 465 13.51 -29.52 -4.72
C ARG A 465 13.16 -28.73 -3.47
N LEU A 466 14.17 -28.14 -2.80
CA LEU A 466 13.87 -27.25 -1.69
C LEU A 466 13.02 -26.07 -2.13
N ARG A 467 13.32 -25.51 -3.31
CA ARG A 467 12.52 -24.40 -3.83
C ARG A 467 11.06 -24.81 -4.01
N SER A 468 10.83 -26.00 -4.56
CA SER A 468 9.47 -26.51 -4.75
C SER A 468 8.76 -26.65 -3.41
N ARG A 469 9.48 -27.12 -2.38
CA ARG A 469 8.88 -27.27 -1.05
C ARG A 469 8.57 -25.92 -0.43
N LEU A 470 9.41 -24.92 -0.68
CA LEU A 470 9.21 -23.62 -0.04
C LEU A 470 8.04 -22.85 -0.67
N THR A 471 7.80 -23.01 -1.97
CA THR A 471 6.65 -22.34 -2.58
C THR A 471 5.34 -22.86 -2.00
N GLU A 472 5.31 -24.13 -1.59
CA GLU A 472 4.10 -24.66 -0.96
C GLU A 472 3.88 -24.07 0.43
N ARG A 473 4.91 -23.48 1.04
CA ARG A 473 4.88 -23.02 2.43
C ARG A 473 4.99 -21.52 2.60
N LEU A 474 5.74 -20.81 1.73
CA LEU A 474 5.98 -19.38 1.82
C LEU A 474 5.36 -18.66 0.62
N PRO A 475 4.88 -17.41 0.77
CA PRO A 475 4.55 -16.62 -0.42
C PRO A 475 5.77 -16.49 -1.30
N ALA A 476 5.53 -16.34 -2.62
CA ALA A 476 6.61 -16.42 -3.58
C ALA A 476 7.71 -15.41 -3.27
N TYR A 477 7.33 -14.20 -2.85
CA TYR A 477 8.29 -13.14 -2.58
C TYR A 477 9.13 -13.39 -1.33
N LEU A 478 8.78 -14.38 -0.51
CA LEU A 478 9.59 -14.75 0.64
C LEU A 478 10.47 -15.97 0.38
N VAL A 479 10.35 -16.60 -0.79
CA VAL A 479 11.21 -17.72 -1.14
C VAL A 479 12.59 -17.15 -1.49
N PRO A 480 13.66 -17.58 -0.82
CA PRO A 480 14.97 -16.97 -1.04
C PRO A 480 15.38 -17.02 -2.51
N HIS A 481 16.03 -15.95 -2.96
CA HIS A 481 16.49 -15.88 -4.35
C HIS A 481 17.55 -16.94 -4.63
N LEU A 482 18.46 -17.18 -3.70
CA LEU A 482 19.50 -18.18 -3.83
C LEU A 482 19.36 -19.21 -2.72
N LEU A 483 19.31 -20.48 -3.10
CA LEU A 483 19.26 -21.62 -2.18
C LEU A 483 20.58 -22.37 -2.30
N VAL A 484 21.53 -22.06 -1.41
CA VAL A 484 22.91 -22.52 -1.53
C VAL A 484 23.13 -23.65 -0.54
N PRO A 485 23.33 -24.89 -0.98
CA PRO A 485 23.64 -25.98 -0.06
C PRO A 485 25.08 -25.87 0.43
N VAL A 486 25.28 -25.93 1.74
CA VAL A 486 26.59 -25.81 2.35
C VAL A 486 26.85 -27.01 3.26
N GLU A 487 28.11 -27.45 3.30
CA GLU A 487 28.49 -28.57 4.17
C GLU A 487 28.26 -28.23 5.64
N ALA A 488 28.60 -26.99 6.03
CA ALA A 488 28.31 -26.49 7.36
C ALA A 488 28.23 -24.97 7.28
N LEU A 489 27.55 -24.38 8.26
CA LEU A 489 27.36 -22.93 8.27
C LEU A 489 28.59 -22.24 8.86
P AMP B . 4.40 0.65 3.60
O1P AMP B . 5.58 -0.06 2.94
O2P AMP B . 3.21 -0.26 3.77
O3P AMP B . 4.04 2.00 2.98
O5' AMP B . 4.89 1.00 5.08
C5' AMP B . 5.40 -0.01 5.93
C4' AMP B . 6.67 0.42 6.62
O4' AMP B . 7.68 0.74 5.63
C3' AMP B . 6.59 1.68 7.46
O3' AMP B . 6.01 1.46 8.74
C2' AMP B . 8.03 2.14 7.51
O2' AMP B . 8.78 1.33 8.40
C1' AMP B . 8.49 1.79 6.10
N9 AMP B . 8.36 2.94 5.18
C8 AMP B . 7.28 3.25 4.43
N7 AMP B . 7.54 4.36 3.69
C5 AMP B . 8.80 4.75 3.96
C6 AMP B . 9.69 5.84 3.52
N6 AMP B . 9.27 6.75 2.60
N1 AMP B . 10.94 5.90 4.07
C2 AMP B . 11.36 4.98 4.96
N3 AMP B . 10.60 3.97 5.40
C4 AMP B . 9.34 3.81 4.95
MG MG C . 2.24 3.10 2.93
#